data_2FZ6
#
_entry.id   2FZ6
#
_cell.length_a   108.900
_cell.length_b   49.600
_cell.length_c   85.800
_cell.angle_alpha   90.00
_cell.angle_beta   129.40
_cell.angle_gamma   90.00
#
_symmetry.space_group_name_H-M   'C 1 2 1'
#
loop_
_entity.id
_entity.type
_entity.pdbx_description
1 polymer Hydrophobin-1
2 non-polymer 'ZINC ION'
3 water water
#
_entity_poly.entity_id   1
_entity_poly.type   'polypeptide(L)'
_entity_poly.pdbx_seq_one_letter_code
;SNGNGNVCPPGLFSNPQCCATQVLGLIGLDCKVPSQNVYDGTDFRNVCAKTGAQPLCCVAPVAGQALLCQTAVGA
;
_entity_poly.pdbx_strand_id   A,B,C,D
#
loop_
_chem_comp.id
_chem_comp.type
_chem_comp.name
_chem_comp.formula
ZN non-polymer 'ZINC ION' 'Zn 2'
#
# COMPACT_ATOMS: atom_id res chain seq x y z
N ASN A 2 -6.83 3.85 -22.54
CA ASN A 2 -7.55 2.58 -22.57
C ASN A 2 -8.69 2.58 -21.56
N GLY A 3 -9.88 2.87 -22.05
CA GLY A 3 -11.07 3.07 -21.23
C GLY A 3 -10.86 4.25 -20.30
N ASN A 4 -11.88 4.66 -19.56
CA ASN A 4 -11.69 5.81 -18.66
C ASN A 4 -12.90 5.96 -17.76
N GLY A 5 -13.95 5.22 -18.12
CA GLY A 5 -15.20 5.30 -17.39
C GLY A 5 -16.37 4.79 -18.21
N ASN A 6 -16.07 4.21 -19.38
CA ASN A 6 -17.11 3.56 -20.16
C ASN A 6 -17.40 2.20 -19.52
N VAL A 7 -16.52 1.82 -18.60
CA VAL A 7 -16.51 0.67 -17.72
C VAL A 7 -16.55 1.04 -16.24
N CYS A 8 -16.39 2.31 -15.86
CA CYS A 8 -16.35 2.68 -14.45
C CYS A 8 -17.29 3.79 -14.08
N PRO A 9 -17.63 3.88 -12.79
CA PRO A 9 -18.57 4.92 -12.36
C PRO A 9 -17.93 6.31 -12.33
N PRO A 10 -18.78 7.31 -12.53
CA PRO A 10 -18.37 8.70 -12.35
C PRO A 10 -17.77 8.91 -10.96
N GLY A 11 -16.75 9.75 -10.85
CA GLY A 11 -16.21 10.12 -9.56
C GLY A 11 -14.85 9.50 -9.23
N LEU A 12 -14.76 9.04 -8.01
CA LEU A 12 -13.69 8.44 -7.22
C LEU A 12 -13.26 7.10 -7.78
N PHE A 13 -14.19 6.19 -8.06
CA PHE A 13 -13.70 4.96 -8.70
C PHE A 13 -13.83 5.08 -10.21
N SER A 14 -13.23 6.14 -10.76
CA SER A 14 -13.46 6.47 -12.16
C SER A 14 -12.47 5.76 -13.08
N ASN A 15 -11.40 5.24 -12.48
CA ASN A 15 -10.25 4.83 -13.29
C ASN A 15 -10.10 3.33 -13.44
N PRO A 16 -10.18 2.85 -14.68
CA PRO A 16 -10.05 1.42 -14.96
C PRO A 16 -8.62 0.92 -14.84
N GLN A 17 -8.36 -0.02 -13.93
CA GLN A 17 -7.04 -0.64 -13.87
C GLN A 17 -7.13 -2.16 -13.97
N CYS A 18 -6.19 -2.80 -14.66
CA CYS A 18 -6.14 -4.26 -14.68
C CYS A 18 -5.37 -4.70 -13.45
N CYS A 19 -5.95 -5.46 -12.51
CA CYS A 19 -5.14 -5.72 -11.31
C CYS A 19 -4.93 -7.20 -11.04
N ALA A 20 -3.76 -7.50 -10.48
CA ALA A 20 -3.35 -8.81 -10.04
C ALA A 20 -4.51 -9.58 -9.39
N THR A 21 -4.85 -9.05 -8.23
CA THR A 21 -5.97 -9.43 -7.39
C THR A 21 -6.54 -8.19 -6.73
N GLN A 22 -7.57 -8.38 -5.92
CA GLN A 22 -8.10 -7.30 -5.09
C GLN A 22 -8.34 -7.86 -3.69
N VAL A 23 -8.20 -7.02 -2.66
CA VAL A 23 -8.45 -7.49 -1.29
C VAL A 23 -9.38 -6.52 -0.55
N LEU A 24 -10.13 -7.06 0.40
CA LEU A 24 -10.99 -6.32 1.31
C LEU A 24 -12.18 -5.70 0.57
N GLY A 25 -12.32 -6.03 -0.71
CA GLY A 25 -13.35 -5.43 -1.52
C GLY A 25 -13.05 -3.98 -1.86
N LEU A 26 -11.90 -3.43 -1.44
CA LEU A 26 -11.72 -2.03 -1.84
C LEU A 26 -10.25 -1.70 -2.07
N ILE A 27 -9.40 -2.72 -2.07
CA ILE A 27 -7.99 -2.42 -2.38
C ILE A 27 -7.54 -3.27 -3.56
N GLY A 28 -7.15 -2.58 -4.63
CA GLY A 28 -6.70 -3.31 -5.81
C GLY A 28 -5.19 -3.41 -5.83
N LEU A 29 -4.69 -4.57 -6.27
CA LEU A 29 -3.25 -4.84 -6.13
C LEU A 29 -2.58 -5.19 -7.45
N ASP A 30 -1.39 -4.66 -7.64
CA ASP A 30 -0.66 -4.80 -8.89
C ASP A 30 -1.58 -4.46 -10.05
N CYS A 31 -1.99 -3.21 -10.04
CA CYS A 31 -2.91 -2.56 -10.96
C CYS A 31 -2.16 -1.89 -12.10
N LYS A 32 -2.36 -2.35 -13.33
CA LYS A 32 -1.72 -1.70 -14.47
C LYS A 32 -2.82 -1.14 -15.37
N VAL A 33 -2.61 0.02 -16.00
CA VAL A 33 -3.73 0.59 -16.76
C VAL A 33 -3.85 -0.18 -18.08
N PRO A 34 -5.05 -0.29 -18.60
CA PRO A 34 -5.35 -1.27 -19.65
C PRO A 34 -4.40 -1.12 -20.84
N SER A 35 -4.45 -2.09 -21.74
CA SER A 35 -3.59 -2.21 -22.90
C SER A 35 -4.45 -1.99 -24.16
N GLN A 36 -5.70 -1.64 -23.86
CA GLN A 36 -6.66 -1.46 -24.93
C GLN A 36 -7.90 -0.80 -24.34
N ASN A 37 -8.27 0.30 -24.99
CA ASN A 37 -9.51 1.00 -24.70
C ASN A 37 -10.62 -0.02 -24.57
N VAL A 38 -11.29 0.00 -23.42
CA VAL A 38 -12.43 -0.90 -23.23
C VAL A 38 -13.70 -0.06 -23.22
N TYR A 39 -14.77 -0.62 -23.77
CA TYR A 39 -16.08 0.04 -23.88
C TYR A 39 -17.08 -0.62 -22.97
N ASP A 40 -16.85 -1.90 -22.67
CA ASP A 40 -17.75 -2.53 -21.71
C ASP A 40 -17.02 -3.50 -20.80
N GLY A 41 -17.83 -4.09 -19.91
CA GLY A 41 -17.35 -5.08 -18.96
C GLY A 41 -16.73 -6.25 -19.71
N THR A 42 -17.37 -6.57 -20.85
CA THR A 42 -16.88 -7.76 -21.54
C THR A 42 -15.45 -7.54 -21.98
N ASP A 43 -15.22 -6.35 -22.55
CA ASP A 43 -13.84 -6.14 -22.98
C ASP A 43 -13.01 -5.76 -21.76
N PHE A 44 -13.70 -5.42 -20.66
CA PHE A 44 -12.85 -5.09 -19.51
C PHE A 44 -12.36 -6.41 -18.91
N ARG A 45 -13.31 -7.27 -18.55
CA ARG A 45 -12.91 -8.57 -18.01
C ARG A 45 -11.99 -9.33 -18.95
N ASN A 46 -12.19 -9.21 -20.26
CA ASN A 46 -11.39 -10.00 -21.20
C ASN A 46 -10.04 -9.37 -21.49
N VAL A 47 -9.96 -8.06 -21.57
CA VAL A 47 -8.67 -7.44 -21.86
C VAL A 47 -7.73 -7.61 -20.67
N CYS A 48 -8.31 -7.69 -19.49
CA CYS A 48 -7.57 -7.85 -18.25
C CYS A 48 -7.12 -9.31 -18.07
N ALA A 49 -8.03 -10.23 -18.33
CA ALA A 49 -7.80 -11.66 -18.19
C ALA A 49 -6.46 -12.09 -18.79
N LYS A 50 -6.09 -11.46 -19.89
CA LYS A 50 -4.85 -11.69 -20.61
C LYS A 50 -3.66 -11.80 -19.65
N THR A 51 -3.58 -10.83 -18.75
CA THR A 51 -2.50 -10.74 -17.78
C THR A 51 -2.80 -11.61 -16.59
N GLY A 52 -3.92 -12.34 -16.70
CA GLY A 52 -4.41 -13.08 -15.54
C GLY A 52 -4.85 -12.09 -14.46
N ALA A 53 -5.31 -10.92 -14.91
CA ALA A 53 -5.67 -9.85 -13.99
C ALA A 53 -7.18 -9.70 -13.86
N GLN A 54 -7.59 -8.86 -12.93
CA GLN A 54 -8.93 -8.53 -12.48
C GLN A 54 -9.31 -7.11 -12.90
N PRO A 55 -10.47 -6.91 -13.50
CA PRO A 55 -10.84 -5.55 -13.90
C PRO A 55 -11.37 -4.75 -12.72
N LEU A 56 -10.77 -3.59 -12.43
CA LEU A 56 -11.29 -2.74 -11.37
C LEU A 56 -11.34 -1.27 -11.77
N CYS A 57 -12.00 -0.47 -10.94
CA CYS A 57 -12.13 0.96 -11.12
C CYS A 57 -11.59 1.75 -9.95
N CYS A 58 -10.37 2.24 -10.07
CA CYS A 58 -9.70 2.78 -8.88
C CYS A 58 -9.76 4.28 -8.79
N VAL A 59 -9.18 4.87 -7.75
CA VAL A 59 -9.35 6.32 -7.65
C VAL A 59 -8.24 7.04 -8.42
N ALA A 60 -7.29 6.26 -8.91
CA ALA A 60 -6.17 6.87 -9.62
C ALA A 60 -5.95 6.15 -10.95
N PRO A 61 -5.42 6.89 -11.91
CA PRO A 61 -5.12 6.35 -13.24
C PRO A 61 -3.68 5.87 -13.31
N VAL A 62 -2.93 6.16 -12.25
CA VAL A 62 -1.55 5.71 -12.19
C VAL A 62 -1.49 4.26 -11.70
N ALA A 63 -0.62 3.45 -12.32
CA ALA A 63 -0.42 2.10 -11.82
C ALA A 63 0.10 2.14 -10.39
N GLY A 64 -0.31 1.22 -9.53
CA GLY A 64 0.18 1.23 -8.16
C GLY A 64 0.17 -0.14 -7.54
N GLN A 65 1.03 -0.37 -6.54
CA GLN A 65 1.08 -1.70 -5.93
C GLN A 65 -0.31 -2.09 -5.43
N ALA A 66 -0.90 -1.10 -4.77
CA ALA A 66 -2.21 -1.25 -4.16
C ALA A 66 -2.97 0.07 -4.25
N LEU A 67 -4.21 0.00 -4.72
CA LEU A 67 -4.97 1.23 -4.88
C LEU A 67 -6.37 1.03 -4.31
N LEU A 68 -6.99 2.11 -3.81
CA LEU A 68 -8.36 1.99 -3.32
C LEU A 68 -9.32 1.78 -4.48
N CYS A 69 -9.65 0.52 -4.76
CA CYS A 69 -10.53 0.22 -5.86
C CYS A 69 -11.87 -0.37 -5.45
N GLN A 70 -12.54 -0.65 -6.55
CA GLN A 70 -13.88 -1.23 -6.59
C GLN A 70 -13.91 -2.18 -7.77
N THR A 71 -14.71 -3.24 -7.67
CA THR A 71 -14.69 -4.18 -8.80
C THR A 71 -15.52 -3.62 -9.95
N ALA A 72 -15.08 -3.82 -11.18
CA ALA A 72 -15.88 -3.36 -12.33
C ALA A 72 -17.22 -4.08 -12.43
N VAL A 73 -18.22 -3.40 -12.97
CA VAL A 73 -19.57 -3.95 -13.14
C VAL A 73 -19.65 -4.76 -14.43
N VAL B 7 13.46 -23.47 2.97
CA VAL B 7 13.51 -22.50 4.06
C VAL B 7 12.09 -22.09 4.38
N CYS B 8 11.12 -22.95 4.04
CA CYS B 8 9.77 -22.50 4.40
C CYS B 8 9.10 -23.50 5.32
N PRO B 9 8.60 -22.99 6.43
CA PRO B 9 8.09 -23.82 7.51
C PRO B 9 7.03 -24.80 7.02
N PRO B 10 6.85 -25.87 7.80
CA PRO B 10 5.75 -26.78 7.51
C PRO B 10 4.45 -26.05 7.80
N GLY B 11 3.43 -26.21 6.95
CA GLY B 11 2.17 -25.55 7.23
C GLY B 11 1.51 -24.94 6.01
N LEU B 12 0.59 -24.01 6.22
CA LEU B 12 -0.07 -23.38 5.07
C LEU B 12 0.92 -22.53 4.27
N PHE B 13 1.91 -22.00 4.97
CA PHE B 13 2.95 -21.17 4.37
C PHE B 13 4.28 -21.88 4.17
N SER B 14 4.24 -23.11 3.65
CA SER B 14 5.46 -23.85 3.35
C SER B 14 5.95 -23.56 1.94
N ASN B 15 5.07 -23.06 1.08
CA ASN B 15 5.48 -22.75 -0.29
C ASN B 15 6.45 -21.58 -0.32
N PRO B 16 7.73 -21.86 -0.60
CA PRO B 16 8.67 -20.73 -0.72
C PRO B 16 8.34 -19.98 -2.02
N GLN B 17 8.78 -18.74 -2.12
CA GLN B 17 8.51 -17.92 -3.29
C GLN B 17 9.35 -16.64 -3.26
N CYS B 18 10.03 -16.39 -4.36
CA CYS B 18 10.69 -15.12 -4.62
C CYS B 18 9.66 -14.19 -5.29
N CYS B 19 9.40 -13.06 -4.66
CA CYS B 19 8.41 -12.11 -5.12
C CYS B 19 8.99 -10.70 -5.15
N ALA B 20 8.50 -9.92 -6.11
CA ALA B 20 8.93 -8.55 -6.28
C ALA B 20 8.89 -7.81 -4.96
N THR B 21 7.73 -7.89 -4.31
CA THR B 21 7.49 -7.15 -3.08
C THR B 21 6.58 -7.92 -2.13
N GLN B 22 6.46 -7.45 -0.89
CA GLN B 22 5.37 -7.82 0.00
C GLN B 22 4.49 -6.61 0.26
N VAL B 23 3.16 -6.72 0.26
CA VAL B 23 2.42 -5.51 0.62
C VAL B 23 1.55 -5.65 1.85
N LEU B 24 1.55 -4.62 2.69
CA LEU B 24 0.59 -4.57 3.78
C LEU B 24 0.89 -5.62 4.85
N GLY B 25 2.05 -6.25 4.74
CA GLY B 25 2.41 -7.16 5.83
C GLY B 25 1.97 -8.57 5.62
N LEU B 26 1.37 -8.92 4.46
CA LEU B 26 1.03 -10.36 4.38
C LEU B 26 0.81 -10.82 2.95
N ILE B 27 0.75 -9.92 1.97
CA ILE B 27 0.53 -10.35 0.59
C ILE B 27 1.80 -10.21 -0.22
N GLY B 28 2.08 -11.18 -1.09
CA GLY B 28 3.29 -11.10 -1.92
C GLY B 28 2.93 -10.81 -3.38
N LEU B 29 3.64 -9.91 -4.07
CA LEU B 29 3.25 -9.66 -5.46
C LEU B 29 4.35 -10.03 -6.43
N ASP B 30 3.95 -10.45 -7.63
CA ASP B 30 4.96 -10.91 -8.58
C ASP B 30 5.83 -12.02 -8.00
N CYS B 31 5.19 -13.12 -7.61
CA CYS B 31 5.86 -14.23 -6.98
C CYS B 31 6.29 -15.31 -7.97
N LYS B 32 7.50 -15.81 -7.75
CA LYS B 32 8.07 -16.95 -8.45
C LYS B 32 9.22 -17.53 -7.63
N VAL B 33 9.36 -18.85 -7.67
CA VAL B 33 10.47 -19.50 -6.96
C VAL B 33 11.79 -18.90 -7.43
N PRO B 34 12.87 -19.10 -6.68
CA PRO B 34 14.16 -18.49 -7.02
C PRO B 34 14.82 -19.11 -8.25
N SER B 35 15.51 -18.23 -8.98
CA SER B 35 16.27 -18.61 -10.16
C SER B 35 17.64 -19.14 -9.73
N GLN B 36 17.82 -19.23 -8.42
CA GLN B 36 19.01 -19.71 -7.75
C GLN B 36 18.66 -20.18 -6.33
N ASN B 37 19.44 -21.13 -5.85
CA ASN B 37 19.30 -21.88 -4.61
C ASN B 37 19.98 -21.22 -3.41
N VAL B 38 19.31 -21.33 -2.28
CA VAL B 38 19.28 -20.64 -1.02
C VAL B 38 19.18 -21.58 0.18
N TYR B 39 20.17 -21.56 1.09
CA TYR B 39 20.09 -22.54 2.17
C TYR B 39 19.62 -21.88 3.45
N ASP B 40 19.91 -20.59 3.44
CA ASP B 40 19.64 -19.73 4.57
C ASP B 40 18.86 -18.51 4.04
N GLY B 41 18.31 -17.75 4.97
CA GLY B 41 17.58 -16.52 4.71
C GLY B 41 18.54 -15.39 4.42
N THR B 42 19.83 -15.59 4.68
CA THR B 42 20.81 -14.58 4.28
C THR B 42 21.20 -14.92 2.84
N ASP B 43 21.04 -16.18 2.49
CA ASP B 43 21.13 -16.70 1.13
C ASP B 43 19.83 -16.44 0.35
N PHE B 44 18.70 -16.59 1.04
CA PHE B 44 17.42 -16.25 0.44
C PHE B 44 17.51 -14.80 -0.06
N ARG B 45 17.41 -13.91 0.91
CA ARG B 45 17.37 -12.46 0.80
C ARG B 45 18.17 -12.03 -0.44
N ASN B 46 19.44 -12.42 -0.37
CA ASN B 46 20.44 -12.30 -1.40
C ASN B 46 19.95 -12.89 -2.73
N VAL B 47 19.97 -14.22 -2.78
CA VAL B 47 19.82 -14.95 -4.03
C VAL B 47 18.59 -14.51 -4.81
N CYS B 48 17.43 -14.34 -4.19
CA CYS B 48 16.35 -13.79 -5.03
C CYS B 48 16.76 -12.37 -5.44
N ALA B 49 16.88 -11.48 -4.46
CA ALA B 49 17.15 -10.08 -4.73
C ALA B 49 18.55 -9.85 -5.30
N LYS B 50 18.75 -10.38 -6.48
CA LYS B 50 19.65 -10.17 -7.56
C LYS B 50 18.83 -9.50 -8.68
N THR B 51 17.68 -10.12 -8.86
CA THR B 51 16.56 -9.72 -9.69
C THR B 51 15.70 -8.75 -8.88
N GLY B 52 16.19 -8.51 -7.67
CA GLY B 52 15.56 -7.68 -6.66
C GLY B 52 14.51 -8.50 -5.91
N ALA B 53 14.31 -9.70 -6.41
CA ALA B 53 13.32 -10.65 -5.90
C ALA B 53 13.47 -10.81 -4.40
N GLN B 54 12.34 -11.07 -3.76
CA GLN B 54 12.22 -11.13 -2.31
C GLN B 54 11.88 -12.53 -1.81
N PRO B 55 12.50 -12.78 -0.66
CA PRO B 55 12.41 -14.03 0.08
C PRO B 55 11.09 -14.27 0.78
N LEU B 56 10.15 -15.00 0.17
CA LEU B 56 8.91 -15.17 0.92
C LEU B 56 8.47 -16.64 0.97
N CYS B 57 7.68 -16.94 1.98
CA CYS B 57 6.99 -18.19 2.22
C CYS B 57 5.48 -17.97 2.10
N CYS B 58 4.84 -18.69 1.18
CA CYS B 58 3.46 -18.37 0.82
C CYS B 58 2.51 -19.56 0.86
N VAL B 59 1.28 -19.31 1.27
CA VAL B 59 0.26 -20.36 1.21
C VAL B 59 0.11 -20.87 -0.22
N ALA B 60 -0.72 -21.90 -0.34
CA ALA B 60 -1.01 -22.50 -1.64
C ALA B 60 -1.75 -21.52 -2.55
N PRO B 61 -1.15 -21.26 -3.71
CA PRO B 61 -1.68 -20.34 -4.70
C PRO B 61 -3.09 -20.68 -5.15
N VAL B 62 -3.97 -19.68 -5.10
CA VAL B 62 -5.36 -19.83 -5.51
C VAL B 62 -5.73 -18.79 -6.58
N ALA B 63 -5.46 -19.17 -7.82
CA ALA B 63 -5.65 -18.46 -9.07
C ALA B 63 -6.58 -17.26 -8.94
N GLY B 64 -6.09 -16.09 -9.33
CA GLY B 64 -6.83 -14.85 -9.21
C GLY B 64 -6.88 -14.32 -7.79
N GLN B 65 -6.58 -15.17 -6.79
CA GLN B 65 -6.70 -14.72 -5.40
C GLN B 65 -5.34 -14.36 -4.83
N ALA B 66 -5.28 -13.25 -4.09
CA ALA B 66 -4.05 -12.76 -3.50
C ALA B 66 -3.32 -13.86 -2.74
N LEU B 67 -2.01 -13.98 -2.96
CA LEU B 67 -1.24 -15.04 -2.32
C LEU B 67 -0.72 -14.62 -0.95
N LEU B 68 -1.21 -15.20 0.16
CA LEU B 68 -0.63 -14.83 1.46
C LEU B 68 0.82 -15.33 1.56
N CYS B 69 1.72 -14.51 2.04
CA CYS B 69 3.15 -14.73 2.09
C CYS B 69 3.75 -14.09 3.33
N GLN B 70 4.58 -14.87 4.00
CA GLN B 70 5.34 -14.49 5.17
C GLN B 70 6.78 -14.22 4.80
N THR B 71 7.38 -13.19 5.40
CA THR B 71 8.79 -12.95 5.16
C THR B 71 9.62 -14.19 5.46
N ALA B 72 10.65 -14.45 4.66
CA ALA B 72 11.52 -15.58 4.93
C ALA B 72 12.18 -15.43 6.30
N VAL B 73 12.12 -16.48 7.10
CA VAL B 73 12.74 -16.55 8.42
C VAL B 73 14.25 -16.58 8.31
N GLY B 74 14.85 -15.38 8.35
CA GLY B 74 16.27 -15.14 8.28
C GLY B 74 16.63 -13.97 7.39
N ALA B 75 16.80 -12.78 7.97
CA ALA B 75 17.16 -11.60 7.18
C ALA B 75 18.47 -11.84 6.41
N GLY C 5 1.57 -9.85 23.29
CA GLY C 5 1.42 -9.16 24.56
C GLY C 5 -0.04 -8.97 24.92
N ASN C 6 -0.31 -8.08 25.88
CA ASN C 6 -1.71 -7.79 26.20
C ASN C 6 -1.99 -6.30 25.96
N VAL C 7 -1.57 -5.87 24.77
CA VAL C 7 -1.81 -4.60 24.12
C VAL C 7 -2.52 -4.89 22.79
N CYS C 8 -2.01 -5.94 22.14
CA CYS C 8 -2.59 -6.51 20.93
C CYS C 8 -3.04 -7.96 21.11
N PRO C 9 -4.15 -8.28 20.46
CA PRO C 9 -4.76 -9.61 20.49
C PRO C 9 -3.90 -10.66 19.80
N PRO C 10 -4.19 -11.92 20.06
CA PRO C 10 -3.35 -13.00 19.52
C PRO C 10 -3.67 -13.25 18.06
N GLY C 11 -2.77 -13.93 17.36
CA GLY C 11 -2.99 -14.30 15.98
C GLY C 11 -2.52 -13.23 15.01
N LEU C 12 -3.39 -12.85 14.09
CA LEU C 12 -3.15 -11.93 13.00
C LEU C 12 -2.64 -10.58 13.47
N PHE C 13 -3.55 -9.83 14.09
CA PHE C 13 -3.17 -8.47 14.50
C PHE C 13 -2.59 -8.53 15.91
N SER C 14 -1.35 -8.99 15.99
CA SER C 14 -0.66 -9.23 17.25
C SER C 14 0.60 -8.38 17.36
N ASN C 15 0.82 -7.51 16.38
CA ASN C 15 1.99 -6.63 16.50
C ASN C 15 1.55 -5.22 16.90
N PRO C 16 2.13 -4.68 17.96
CA PRO C 16 1.85 -3.30 18.35
C PRO C 16 2.64 -2.34 17.47
N GLN C 17 1.93 -1.37 16.87
CA GLN C 17 2.61 -0.38 16.05
C GLN C 17 2.17 1.05 16.33
N CYS C 18 3.02 2.02 15.98
CA CYS C 18 2.53 3.41 16.03
C CYS C 18 2.45 3.90 14.58
N CYS C 19 1.24 4.20 14.13
CA CYS C 19 0.99 4.58 12.74
C CYS C 19 0.34 5.97 12.64
N ALA C 20 0.72 6.78 11.67
CA ALA C 20 0.19 8.13 11.50
C ALA C 20 -1.31 8.14 11.59
N THR C 21 -1.88 7.11 10.97
CA THR C 21 -3.33 7.04 10.96
C THR C 21 -3.83 5.71 10.44
N GLN C 22 -5.15 5.52 10.53
CA GLN C 22 -5.72 4.36 9.86
C GLN C 22 -6.71 4.74 8.77
N VAL C 23 -6.98 3.84 7.81
CA VAL C 23 -8.15 4.15 6.99
C VAL C 23 -9.09 2.95 7.02
N LEU C 24 -10.37 3.24 6.86
CA LEU C 24 -11.51 2.36 6.85
C LEU C 24 -11.31 1.17 7.81
N GLY C 25 -10.79 1.47 8.98
CA GLY C 25 -10.54 0.56 10.06
C GLY C 25 -9.96 -0.79 9.67
N LEU C 26 -8.94 -0.83 8.83
CA LEU C 26 -8.36 -2.08 8.36
C LEU C 26 -6.89 -1.87 8.03
N ILE C 27 -6.48 -0.60 7.90
CA ILE C 27 -5.15 -0.38 7.34
C ILE C 27 -4.43 0.74 8.08
N GLY C 28 -3.27 0.42 8.67
CA GLY C 28 -2.51 1.47 9.34
C GLY C 28 -1.66 2.18 8.31
N LEU C 29 -1.43 3.49 8.40
CA LEU C 29 -0.56 4.01 7.33
C LEU C 29 0.59 4.81 7.93
N ASP C 30 1.79 4.59 7.40
CA ASP C 30 2.96 5.24 7.99
C ASP C 30 3.18 4.71 9.41
N CYS C 31 3.47 3.41 9.45
CA CYS C 31 3.61 2.66 10.67
C CYS C 31 5.06 2.42 11.07
N LYS C 32 5.26 2.48 12.38
CA LYS C 32 6.55 2.15 12.97
C LYS C 32 6.31 1.44 14.30
N VAL C 33 7.37 0.85 14.82
CA VAL C 33 7.38 0.22 16.12
C VAL C 33 7.50 1.24 17.25
N PRO C 34 6.58 1.18 18.21
CA PRO C 34 6.60 2.04 19.39
C PRO C 34 7.99 2.26 19.97
N SER C 35 8.29 3.51 20.31
CA SER C 35 9.62 3.93 20.76
C SER C 35 10.06 3.26 22.04
N GLN C 36 9.16 2.87 22.94
CA GLN C 36 9.62 2.13 24.11
C GLN C 36 8.63 1.00 24.42
N ASN C 37 8.94 0.24 25.46
CA ASN C 37 8.13 -0.88 25.91
C ASN C 37 6.76 -0.39 26.41
N VAL C 38 5.71 -0.99 25.86
CA VAL C 38 4.33 -0.68 26.15
C VAL C 38 3.68 -1.89 26.81
N TYR C 39 2.82 -1.69 27.80
CA TYR C 39 2.29 -2.79 28.59
C TYR C 39 0.78 -2.87 28.54
N ASP C 40 0.18 -1.74 28.18
CA ASP C 40 -1.27 -1.55 28.26
C ASP C 40 -1.70 -0.55 27.18
N GLY C 41 -2.99 -0.26 27.07
CA GLY C 41 -3.48 0.67 26.05
C GLY C 41 -3.05 2.12 26.30
N THR C 42 -3.47 2.62 27.44
CA THR C 42 -3.09 3.89 28.01
C THR C 42 -1.65 4.22 27.71
N ASP C 43 -0.70 3.38 28.16
CA ASP C 43 0.67 3.76 27.80
C ASP C 43 0.84 3.67 26.28
N PHE C 44 0.34 2.59 25.68
CA PHE C 44 0.43 2.38 24.24
C PHE C 44 -0.01 3.63 23.49
N ARG C 45 -1.09 4.23 23.97
CA ARG C 45 -1.62 5.45 23.34
C ARG C 45 -0.64 6.59 23.51
N ASN C 46 -0.28 6.88 24.77
CA ASN C 46 0.64 7.98 25.05
C ASN C 46 1.95 7.89 24.27
N VAL C 47 2.42 6.70 23.96
CA VAL C 47 3.70 6.54 23.26
C VAL C 47 3.63 6.86 21.78
N CYS C 48 2.56 6.43 21.11
CA CYS C 48 2.44 6.74 19.69
C CYS C 48 2.12 8.20 19.47
N ALA C 49 1.42 8.81 20.43
CA ALA C 49 1.16 10.24 20.32
C ALA C 49 2.45 11.04 20.38
N LYS C 50 3.50 10.45 20.94
CA LYS C 50 4.83 11.04 21.05
C LYS C 50 5.34 11.57 19.71
N THR C 51 4.88 10.98 18.63
CA THR C 51 5.16 11.35 17.27
C THR C 51 3.88 11.46 16.44
N GLY C 52 2.78 11.85 17.10
CA GLY C 52 1.50 12.07 16.47
C GLY C 52 0.82 10.83 15.93
N ALA C 53 1.47 9.68 16.05
CA ALA C 53 0.84 8.45 15.59
C ALA C 53 -0.20 7.96 16.59
N GLN C 54 -0.73 6.78 16.30
CA GLN C 54 -1.78 6.14 17.07
C GLN C 54 -1.52 4.64 17.25
N PRO C 55 -2.05 4.07 18.33
CA PRO C 55 -1.80 2.67 18.67
C PRO C 55 -2.62 1.69 17.84
N LEU C 56 -1.95 1.01 16.92
CA LEU C 56 -2.62 0.01 16.11
C LEU C 56 -1.99 -1.37 16.29
N CYS C 57 -2.79 -2.41 16.26
CA CYS C 57 -2.34 -3.80 16.22
C CYS C 57 -2.27 -4.30 14.78
N CYS C 58 -1.06 -4.59 14.30
CA CYS C 58 -0.81 -4.95 12.92
C CYS C 58 -0.40 -6.40 12.68
N VAL C 59 -0.49 -6.83 11.43
CA VAL C 59 -0.21 -8.19 10.99
C VAL C 59 1.28 -8.39 10.72
N ALA C 60 2.06 -7.32 10.84
CA ALA C 60 3.50 -7.43 10.65
C ALA C 60 4.21 -6.75 11.82
N PRO C 61 5.28 -7.39 12.26
CA PRO C 61 6.11 -6.90 13.35
C PRO C 61 7.08 -5.79 12.92
N VAL C 62 7.31 -5.62 11.62
CA VAL C 62 8.23 -4.54 11.24
C VAL C 62 7.54 -3.40 10.49
N ALA C 63 8.18 -2.24 10.60
CA ALA C 63 7.75 -0.98 10.02
C ALA C 63 7.31 -1.13 8.57
N GLY C 64 6.47 -0.16 8.17
CA GLY C 64 5.94 -0.08 6.81
C GLY C 64 5.12 1.17 6.62
N GLN C 65 4.76 1.42 5.38
CA GLN C 65 3.96 2.52 4.88
C GLN C 65 2.46 2.23 4.99
N ALA C 66 2.05 1.02 4.66
CA ALA C 66 0.70 0.54 4.85
C ALA C 66 0.69 -0.90 5.36
N LEU C 67 -0.03 -1.18 6.44
CA LEU C 67 -0.13 -2.58 6.87
C LEU C 67 -1.55 -2.91 7.34
N LEU C 68 -2.05 -4.12 7.09
CA LEU C 68 -3.32 -4.50 7.74
C LEU C 68 -3.14 -4.33 9.25
N CYS C 69 -3.99 -3.50 9.82
CA CYS C 69 -3.98 -3.05 11.19
C CYS C 69 -5.40 -2.69 11.64
N GLN C 70 -5.64 -2.74 12.94
CA GLN C 70 -6.98 -2.46 13.42
C GLN C 70 -6.82 -1.74 14.75
N THR C 71 -7.87 -1.12 15.27
CA THR C 71 -7.59 -0.33 16.48
C THR C 71 -7.13 -1.22 17.63
N ALA C 72 -6.32 -0.59 18.46
CA ALA C 72 -5.76 -1.16 19.67
C ALA C 72 -6.76 -1.01 20.81
N VAL C 73 -7.01 -2.15 21.42
CA VAL C 73 -7.92 -2.29 22.55
C VAL C 73 -7.51 -1.36 23.68
N GLY C 74 -8.50 -0.84 24.38
CA GLY C 74 -8.39 -0.01 25.55
C GLY C 74 -7.29 1.00 25.62
N ALA C 75 -6.83 1.52 24.48
CA ALA C 75 -5.80 2.54 24.44
C ALA C 75 -6.39 3.95 24.32
N ASN D 6 -2.50 27.11 -9.76
CA ASN D 6 -1.16 27.01 -10.33
C ASN D 6 -0.59 25.63 -10.11
N VAL D 7 -0.71 25.14 -8.88
CA VAL D 7 -0.26 23.75 -8.65
C VAL D 7 -1.46 22.95 -8.16
N CYS D 8 -2.22 23.65 -7.32
CA CYS D 8 -3.42 23.09 -6.69
C CYS D 8 -4.70 23.81 -7.14
N PRO D 9 -5.76 23.03 -7.20
CA PRO D 9 -7.06 23.34 -7.79
C PRO D 9 -8.09 23.77 -6.76
N PRO D 10 -9.34 24.04 -7.13
CA PRO D 10 -10.35 24.38 -6.12
C PRO D 10 -10.54 23.25 -5.11
N GLY D 11 -11.79 22.83 -4.92
CA GLY D 11 -12.16 21.79 -3.96
C GLY D 11 -11.47 22.02 -2.63
N LEU D 12 -11.12 20.95 -1.91
CA LEU D 12 -10.37 21.17 -0.67
C LEU D 12 -8.86 21.06 -0.92
N PHE D 13 -8.48 20.76 -2.15
CA PHE D 13 -7.09 20.51 -2.51
C PHE D 13 -6.28 21.77 -2.77
N SER D 14 -6.25 22.62 -1.76
CA SER D 14 -5.56 23.90 -1.75
C SER D 14 -4.07 23.79 -1.55
N ASN D 15 -3.57 22.91 -0.68
CA ASN D 15 -2.14 22.91 -0.37
C ASN D 15 -1.27 22.02 -1.24
N PRO D 16 -0.18 22.66 -1.67
CA PRO D 16 0.80 22.07 -2.57
C PRO D 16 1.94 21.37 -1.86
N GLN D 17 1.65 20.48 -0.91
CA GLN D 17 2.67 19.87 -0.06
C GLN D 17 3.62 18.95 -0.80
N CYS D 18 4.82 18.71 -0.25
CA CYS D 18 5.70 17.74 -0.93
C CYS D 18 5.76 16.46 -0.10
N CYS D 19 5.25 15.35 -0.62
CA CYS D 19 4.98 14.16 0.17
C CYS D 19 5.88 12.98 -0.18
N ALA D 20 6.26 12.22 0.85
CA ALA D 20 7.11 11.05 0.70
C ALA D 20 6.45 10.01 -0.20
N THR D 21 5.12 9.96 -0.10
CA THR D 21 4.31 9.11 -0.95
C THR D 21 2.84 9.55 -0.86
N GLN D 22 2.11 9.01 -1.81
CA GLN D 22 0.70 8.86 -2.04
C GLN D 22 0.38 7.36 -2.11
N VAL D 23 0.00 6.83 -0.95
CA VAL D 23 -0.45 5.45 -0.87
C VAL D 23 -1.92 5.37 -1.29
N LEU D 24 -2.28 4.25 -1.87
CA LEU D 24 -3.65 3.93 -2.28
C LEU D 24 -4.20 4.93 -3.31
N GLY D 25 -3.31 5.70 -3.92
CA GLY D 25 -3.57 6.75 -4.86
C GLY D 25 -4.44 7.87 -4.31
N LEU D 26 -4.45 8.09 -2.98
CA LEU D 26 -5.28 9.20 -2.52
C LEU D 26 -4.89 9.73 -1.16
N ILE D 27 -3.79 9.31 -0.54
CA ILE D 27 -3.52 9.85 0.80
C ILE D 27 -2.09 10.29 0.93
N GLY D 28 -1.82 11.43 1.58
CA GLY D 28 -0.43 11.90 1.55
C GLY D 28 0.34 11.41 2.76
N LEU D 29 1.46 10.73 2.58
CA LEU D 29 2.24 10.24 3.72
C LEU D 29 3.47 11.09 3.99
N ASP D 30 3.68 11.50 5.23
CA ASP D 30 4.85 12.31 5.56
C ASP D 30 4.90 13.55 4.68
N CYS D 31 3.83 14.34 4.77
CA CYS D 31 3.74 15.51 3.90
C CYS D 31 4.32 16.74 4.57
N LYS D 32 4.97 17.55 3.74
CA LYS D 32 5.56 18.80 4.19
C LYS D 32 5.64 19.75 3.00
N VAL D 33 5.35 21.02 3.28
CA VAL D 33 5.46 22.09 2.29
C VAL D 33 6.74 21.96 1.47
N PRO D 34 6.65 22.26 0.18
CA PRO D 34 7.81 22.08 -0.71
C PRO D 34 8.88 23.12 -0.42
N SER D 35 10.10 22.88 -0.91
CA SER D 35 11.21 23.75 -0.53
C SER D 35 11.31 25.02 -1.36
N GLN D 36 11.10 24.97 -2.68
CA GLN D 36 11.44 26.17 -3.46
C GLN D 36 10.22 27.01 -3.81
N ASN D 37 10.47 28.17 -4.39
CA ASN D 37 9.52 29.20 -4.78
C ASN D 37 9.10 29.09 -6.24
N VAL D 38 8.26 28.10 -6.47
CA VAL D 38 7.78 27.57 -7.71
C VAL D 38 6.27 27.67 -7.86
N TYR D 39 5.80 28.16 -9.00
CA TYR D 39 4.40 28.16 -9.39
C TYR D 39 4.31 27.52 -10.79
N ASP D 40 4.60 26.23 -10.84
CA ASP D 40 4.63 25.51 -12.10
C ASP D 40 4.85 24.01 -11.90
N GLY D 41 4.05 23.22 -12.61
CA GLY D 41 4.03 21.78 -12.62
C GLY D 41 5.23 21.09 -13.24
N THR D 42 6.44 21.59 -12.98
CA THR D 42 7.63 20.88 -13.45
C THR D 42 8.64 20.79 -12.31
N ASP D 43 9.13 21.94 -11.85
CA ASP D 43 10.10 21.92 -10.76
C ASP D 43 9.41 21.75 -9.40
N PHE D 44 8.08 21.81 -9.38
CA PHE D 44 7.37 21.34 -8.19
C PHE D 44 7.77 19.88 -8.01
N ARG D 45 7.79 19.20 -9.17
CA ARG D 45 8.09 17.78 -9.22
C ARG D 45 9.58 17.52 -8.97
N ASN D 46 10.45 18.27 -9.63
CA ASN D 46 11.89 18.18 -9.48
C ASN D 46 12.32 18.65 -8.09
N VAL D 47 11.66 19.71 -7.61
CA VAL D 47 11.93 20.13 -6.23
C VAL D 47 11.64 18.92 -5.34
N CYS D 48 10.44 18.39 -5.52
CA CYS D 48 9.97 17.22 -4.76
C CYS D 48 10.90 16.05 -5.02
N ALA D 49 11.26 15.79 -6.26
CA ALA D 49 12.19 14.69 -6.53
C ALA D 49 13.54 14.94 -5.88
N LYS D 50 13.84 16.19 -5.53
CA LYS D 50 15.12 16.49 -4.89
C LYS D 50 15.27 15.63 -3.62
N THR D 51 14.12 15.44 -2.99
CA THR D 51 13.93 14.77 -1.71
C THR D 51 13.37 13.36 -1.92
N GLY D 52 13.20 12.96 -3.18
CA GLY D 52 12.69 11.64 -3.48
C GLY D 52 11.21 11.53 -3.13
N ALA D 53 10.58 12.69 -2.94
CA ALA D 53 9.14 12.75 -2.73
C ALA D 53 8.44 12.95 -4.07
N GLN D 54 7.14 13.18 -4.03
CA GLN D 54 6.29 13.38 -5.17
C GLN D 54 5.39 14.60 -4.95
N PRO D 55 4.95 15.19 -6.07
CA PRO D 55 4.13 16.41 -6.03
C PRO D 55 2.64 16.12 -5.90
N LEU D 56 2.03 16.61 -4.83
CA LEU D 56 0.63 16.37 -4.48
C LEU D 56 -0.08 17.61 -3.93
N CYS D 57 -1.39 17.74 -4.10
CA CYS D 57 -2.22 18.82 -3.59
C CYS D 57 -3.22 18.34 -2.56
N CYS D 58 -3.07 18.73 -1.29
CA CYS D 58 -3.85 18.08 -0.23
C CYS D 58 -4.93 18.94 0.40
N VAL D 59 -5.85 18.28 1.14
CA VAL D 59 -6.78 19.12 1.91
C VAL D 59 -6.12 19.63 3.18
N ALA D 60 -6.88 20.30 4.03
CA ALA D 60 -6.24 20.89 5.21
C ALA D 60 -6.08 19.85 6.33
N PRO D 61 -4.89 19.81 6.92
CA PRO D 61 -4.48 18.83 7.93
C PRO D 61 -5.33 18.84 9.20
N VAL D 62 -5.83 17.66 9.54
CA VAL D 62 -6.75 17.36 10.63
C VAL D 62 -6.22 16.26 11.56
N ALA D 63 -6.48 16.41 12.85
CA ALA D 63 -6.03 15.50 13.89
C ALA D 63 -6.30 14.02 13.57
N GLY D 64 -5.23 13.25 13.56
CA GLY D 64 -5.28 11.81 13.46
C GLY D 64 -5.94 11.22 12.24
N GLN D 65 -6.29 12.09 11.28
CA GLN D 65 -7.02 11.65 10.10
C GLN D 65 -6.13 11.50 8.89
N ALA D 66 -6.47 10.58 7.99
CA ALA D 66 -5.66 10.42 6.78
C ALA D 66 -5.77 11.67 5.91
N LEU D 67 -4.69 12.10 5.28
CA LEU D 67 -4.67 13.34 4.50
C LEU D 67 -4.92 13.06 3.02
N LEU D 68 -6.15 13.20 2.57
CA LEU D 68 -6.42 12.95 1.14
C LEU D 68 -5.56 13.85 0.26
N CYS D 69 -4.85 13.27 -0.70
CA CYS D 69 -3.99 14.12 -1.55
C CYS D 69 -4.13 13.70 -3.00
N GLN D 70 -3.99 14.69 -3.89
CA GLN D 70 -4.02 14.33 -5.31
C GLN D 70 -2.67 14.67 -5.94
N THR D 71 -2.34 13.96 -7.01
CA THR D 71 -1.12 14.37 -7.69
C THR D 71 -1.31 15.78 -8.24
N ALA D 72 -0.24 16.53 -8.40
CA ALA D 72 -0.38 17.90 -8.92
C ALA D 72 -0.72 17.85 -10.39
N VAL D 73 -1.76 18.56 -10.85
CA VAL D 73 -2.04 18.49 -12.30
C VAL D 73 -1.00 19.26 -13.09
N GLY D 74 -0.58 18.69 -14.23
CA GLY D 74 0.42 19.32 -15.05
C GLY D 74 1.82 18.74 -14.89
ZN ZN E . 2.83 -7.54 -11.69
ZN ZN F . -17.27 -5.42 -25.42
ZN ZN G . 23.78 -19.21 -2.20
ZN ZN H . 5.58 10.08 9.40
#